data_7VNA
#
_entry.id   7VNA
#
_cell.length_a   34.259
_cell.length_b   46.787
_cell.length_c   81.733
_cell.angle_alpha   90.000
_cell.angle_beta   90.000
_cell.angle_gamma   90.000
#
_symmetry.space_group_name_H-M   'P 21 2 21'
#
loop_
_entity.id
_entity.type
_entity.pdbx_description
1 polymer 'Ahr homolog spineless'
2 water water
#
_entity_poly.entity_id   1
_entity_poly.type   'polypeptide(L)'
_entity_poly.pdbx_seq_one_letter_code
;GSIPHKENMFKSKHKLDFSLVSMDQRGKHILGYADAELVNMGGYDLVHYDDLAYVASAHQELLKTGASGMIAYRYQKKDG
EWQWLQTSSRLVYKNSKPDFVICTHRQLMDEEGHDLLGKR
;
_entity_poly.pdbx_strand_id   A
#
# COMPACT_ATOMS: atom_id res chain seq x y z
N GLU A 7 -11.75 3.12 -11.94
CA GLU A 7 -12.87 2.62 -11.16
C GLU A 7 -12.53 2.59 -9.67
N ASN A 8 -12.74 1.44 -9.03
CA ASN A 8 -12.48 1.33 -7.61
C ASN A 8 -10.99 1.22 -7.30
N MET A 9 -10.22 2.17 -7.82
CA MET A 9 -8.80 2.29 -7.51
C MET A 9 -8.56 3.61 -6.77
N PHE A 10 -7.61 3.58 -5.85
CA PHE A 10 -7.32 4.76 -5.04
C PHE A 10 -5.80 4.91 -4.90
N LYS A 11 -5.39 6.12 -4.54
CA LYS A 11 -3.98 6.47 -4.44
C LYS A 11 -3.65 6.96 -3.04
N SER A 12 -2.36 6.94 -2.72
CA SER A 12 -1.88 7.35 -1.41
C SER A 12 -0.42 7.75 -1.52
N LYS A 13 -0.05 8.81 -0.80
CA LYS A 13 1.32 9.29 -0.77
C LYS A 13 2.05 8.73 0.44
N HIS A 14 3.33 8.40 0.26
CA HIS A 14 4.15 7.81 1.30
C HIS A 14 5.54 8.42 1.28
N LYS A 15 6.20 8.39 2.44
CA LYS A 15 7.62 8.69 2.48
C LYS A 15 8.40 7.51 1.91
N LEU A 16 9.71 7.70 1.76
CA LEU A 16 10.55 6.64 1.22
C LEU A 16 10.57 5.40 2.10
N ASP A 17 10.30 5.56 3.40
CA ASP A 17 10.22 4.43 4.31
C ASP A 17 8.82 3.84 4.38
N PHE A 18 7.96 4.29 3.50
CA PHE A 18 6.65 3.80 3.30
C PHE A 18 5.64 4.27 4.27
N SER A 19 5.99 5.13 5.20
CA SER A 19 5.03 5.68 6.16
C SER A 19 4.06 6.62 5.45
N LEU A 20 2.83 6.64 5.96
CA LEU A 20 1.75 7.36 5.28
C LEU A 20 1.91 8.87 5.42
N VAL A 21 1.82 9.56 4.29
CA VAL A 21 1.73 11.01 4.27
C VAL A 21 0.32 11.47 3.94
N SER A 22 -0.33 10.81 2.99
CA SER A 22 -1.66 11.20 2.55
C SER A 22 -2.37 10.00 1.93
N MET A 23 -3.70 10.01 2.00
CA MET A 23 -4.53 9.02 1.35
C MET A 23 -5.81 9.69 0.87
N ASP A 24 -6.19 9.38 -0.38
CA ASP A 24 -7.37 10.01 -0.95
C ASP A 24 -8.64 9.56 -0.24
N GLN A 25 -9.73 10.30 -0.49
CA GLN A 25 -10.98 10.02 0.21
C GLN A 25 -11.56 8.65 -0.15
N ARG A 26 -11.35 8.20 -1.40
CA ARG A 26 -11.83 6.87 -1.77
C ARG A 26 -11.13 5.79 -0.96
N GLY A 27 -9.82 5.93 -0.77
CA GLY A 27 -9.09 4.96 0.04
C GLY A 27 -9.53 4.95 1.49
N LYS A 28 -9.86 6.13 2.02
CA LYS A 28 -10.33 6.20 3.41
C LYS A 28 -11.73 5.64 3.55
N HIS A 29 -12.57 5.77 2.52
CA HIS A 29 -13.90 5.16 2.56
C HIS A 29 -13.80 3.65 2.47
N ILE A 30 -12.89 3.15 1.64
CA ILE A 30 -12.71 1.69 1.52
C ILE A 30 -12.17 1.11 2.81
N LEU A 31 -11.17 1.75 3.41
CA LEU A 31 -10.54 1.23 4.61
C LEU A 31 -11.26 1.64 5.89
N GLY A 32 -11.96 2.79 5.88
CA GLY A 32 -12.75 3.20 7.02
C GLY A 32 -12.01 4.03 8.06
N TYR A 33 -10.87 4.61 7.71
CA TYR A 33 -10.06 5.37 8.65
C TYR A 33 -10.19 6.86 8.39
N ALA A 34 -10.26 7.65 9.45
CA ALA A 34 -10.20 9.09 9.33
C ALA A 34 -8.75 9.55 9.19
N ASP A 35 -8.58 10.85 8.95
CA ASP A 35 -7.23 11.41 8.80
C ASP A 35 -6.43 11.28 10.08
N ALA A 36 -7.07 11.55 11.24
CA ALA A 36 -6.36 11.50 12.51
C ALA A 36 -5.86 10.10 12.82
N GLU A 37 -6.52 9.07 12.27
CA GLU A 37 -6.10 7.68 12.49
C GLU A 37 -4.93 7.26 11.63
N LEU A 38 -4.57 8.04 10.61
CA LEU A 38 -3.52 7.67 9.67
C LEU A 38 -2.29 8.57 9.73
N VAL A 39 -2.31 9.63 10.54
CA VAL A 39 -1.18 10.53 10.62
C VAL A 39 0.02 9.80 11.24
N ASN A 40 1.19 9.99 10.63
CA ASN A 40 2.44 9.38 11.11
C ASN A 40 2.31 7.86 11.25
N MET A 41 1.52 7.25 10.39
CA MET A 41 1.31 5.81 10.44
C MET A 41 2.39 5.09 9.67
N GLY A 42 2.98 4.06 10.30
CA GLY A 42 4.06 3.34 9.66
C GLY A 42 3.61 2.59 8.43
N GLY A 43 4.58 2.27 7.57
CA GLY A 43 4.28 1.61 6.31
C GLY A 43 3.77 0.19 6.48
N TYR A 44 4.19 -0.49 7.55
CA TYR A 44 3.77 -1.86 7.80
C TYR A 44 2.77 -1.97 8.93
N ASP A 45 2.33 -0.88 9.48
CA ASP A 45 1.38 -0.89 10.55
C ASP A 45 0.18 -1.79 10.31
N LEU A 46 -0.50 -1.58 9.21
CA LEU A 46 -1.74 -2.27 8.93
C LEU A 46 -1.56 -3.48 8.02
N VAL A 47 -0.32 -3.84 7.70
CA VAL A 47 -0.04 -4.96 6.81
C VAL A 47 -0.20 -6.26 7.58
N HIS A 48 -0.92 -7.22 6.98
CA HIS A 48 -1.11 -8.52 7.59
C HIS A 48 0.22 -9.18 7.88
N TYR A 49 0.27 -9.92 9.00
CA TYR A 49 1.51 -10.58 9.42
C TYR A 49 2.08 -11.46 8.32
N ASP A 50 1.21 -12.18 7.61
CA ASP A 50 1.65 -13.08 6.55
C ASP A 50 2.21 -12.34 5.33
N ASP A 51 2.05 -11.02 5.25
CA ASP A 51 2.51 -10.26 4.09
C ASP A 51 3.64 -9.30 4.44
N LEU A 52 4.19 -9.37 5.65
CA LEU A 52 5.26 -8.46 6.05
C LEU A 52 6.49 -8.62 5.18
N ALA A 53 6.93 -9.87 4.99
CA ALA A 53 8.13 -10.12 4.18
C ALA A 53 7.89 -9.73 2.73
N TYR A 54 6.67 -9.93 2.22
CA TYR A 54 6.38 -9.61 0.83
C TYR A 54 6.43 -8.11 0.59
N VAL A 55 5.76 -7.33 1.43
CA VAL A 55 5.79 -5.88 1.29
C VAL A 55 7.20 -5.35 1.50
N ALA A 56 7.96 -5.99 2.41
CA ALA A 56 9.33 -5.56 2.68
C ALA A 56 10.21 -5.73 1.44
N SER A 57 10.03 -6.81 0.69
CA SER A 57 10.86 -7.04 -0.49
C SER A 57 10.47 -6.10 -1.62
N ALA A 58 9.18 -5.79 -1.76
CA ALA A 58 8.76 -4.78 -2.72
C ALA A 58 9.22 -3.39 -2.31
N HIS A 59 9.44 -3.18 -1.01
CA HIS A 59 10.01 -1.91 -0.56
C HIS A 59 11.47 -1.78 -0.97
N GLN A 60 12.21 -2.90 -0.96
CA GLN A 60 13.60 -2.88 -1.40
C GLN A 60 13.69 -2.70 -2.91
N GLU A 61 12.86 -3.44 -3.65
CA GLU A 61 12.83 -3.27 -5.11
C GLU A 61 12.45 -1.85 -5.49
N LEU A 62 11.51 -1.25 -4.73
CA LEU A 62 11.08 0.11 -5.04
C LEU A 62 12.21 1.11 -4.86
N LEU A 63 12.94 1.03 -3.75
CA LEU A 63 13.96 2.03 -3.47
C LEU A 63 15.20 1.84 -4.33
N LYS A 64 15.46 0.62 -4.80
CA LYS A 64 16.63 0.37 -5.65
C LYS A 64 16.35 0.66 -7.11
N THR A 65 15.14 0.37 -7.57
CA THR A 65 14.78 0.45 -8.98
C THR A 65 13.95 1.68 -9.32
N GLY A 66 13.07 2.12 -8.42
CA GLY A 66 12.19 3.24 -8.68
C GLY A 66 10.75 2.86 -8.92
N ALA A 67 10.46 1.56 -9.03
CA ALA A 67 9.10 1.09 -9.22
C ALA A 67 8.99 -0.30 -8.64
N SER A 68 7.76 -0.66 -8.26
CA SER A 68 7.50 -1.98 -7.71
C SER A 68 6.01 -2.28 -7.84
N GLY A 69 5.70 -3.57 -7.89
CA GLY A 69 4.32 -4.00 -7.97
C GLY A 69 3.99 -5.10 -6.97
N MET A 70 3.04 -4.85 -6.08
CA MET A 70 2.61 -5.83 -5.08
C MET A 70 1.34 -6.51 -5.60
N ILE A 71 1.46 -7.79 -5.93
CA ILE A 71 0.38 -8.49 -6.63
C ILE A 71 -0.84 -8.64 -5.76
N ALA A 72 -0.64 -9.04 -4.49
CA ALA A 72 -1.75 -9.23 -3.57
C ALA A 72 -1.21 -9.24 -2.15
N TYR A 73 -1.80 -8.41 -1.29
CA TYR A 73 -1.47 -8.39 0.12
C TYR A 73 -2.70 -7.88 0.86
N ARG A 74 -2.62 -7.89 2.19
CA ARG A 74 -3.78 -7.60 3.03
C ARG A 74 -3.55 -6.37 3.88
N TYR A 75 -4.55 -5.48 3.90
CA TYR A 75 -4.56 -4.28 4.71
C TYR A 75 -5.77 -4.35 5.62
N GLN A 76 -5.55 -4.22 6.93
CA GLN A 76 -6.66 -4.40 7.86
C GLN A 76 -7.59 -3.19 7.81
N LYS A 77 -8.88 -3.46 7.64
CA LYS A 77 -9.89 -2.42 7.71
C LYS A 77 -10.16 -2.06 9.17
N LYS A 78 -10.89 -0.95 9.36
CA LYS A 78 -11.20 -0.51 10.72
C LYS A 78 -12.12 -1.49 11.42
N ASP A 79 -13.02 -2.14 10.69
CA ASP A 79 -13.94 -3.09 11.30
C ASP A 79 -13.26 -4.39 11.74
N GLY A 80 -11.98 -4.57 11.42
CA GLY A 80 -11.27 -5.79 11.73
C GLY A 80 -11.06 -6.71 10.54
N GLU A 81 -11.88 -6.59 9.51
CA GLU A 81 -11.76 -7.44 8.33
C GLU A 81 -10.49 -7.07 7.55
N TRP A 82 -10.13 -7.94 6.62
CA TRP A 82 -8.93 -7.78 5.82
C TRP A 82 -9.31 -7.42 4.39
N GLN A 83 -8.73 -6.34 3.88
CA GLN A 83 -8.96 -5.88 2.52
C GLN A 83 -7.75 -6.25 1.66
N TRP A 84 -7.94 -7.16 0.72
CA TRP A 84 -6.89 -7.47 -0.24
C TRP A 84 -6.67 -6.29 -1.19
N LEU A 85 -5.42 -6.05 -1.52
CA LEU A 85 -5.05 -4.93 -2.38
C LEU A 85 -4.09 -5.39 -3.45
N GLN A 86 -4.03 -4.60 -4.53
CA GLN A 86 -3.04 -4.78 -5.60
C GLN A 86 -2.45 -3.40 -5.89
N THR A 87 -1.20 -3.19 -5.50
CA THR A 87 -0.59 -1.88 -5.46
C THR A 87 0.55 -1.78 -6.48
N SER A 88 0.65 -0.62 -7.11
CA SER A 88 1.78 -0.27 -7.97
C SER A 88 2.46 0.96 -7.39
N SER A 89 3.72 0.82 -6.97
CA SER A 89 4.45 1.88 -6.30
C SER A 89 5.51 2.46 -7.23
N ARG A 90 5.83 3.74 -7.01
CA ARG A 90 6.83 4.43 -7.81
C ARG A 90 7.45 5.56 -6.99
N LEU A 91 8.73 5.81 -7.21
CA LEU A 91 9.41 6.94 -6.59
C LEU A 91 9.11 8.22 -7.38
N VAL A 92 8.66 9.26 -6.67
CA VAL A 92 8.50 10.58 -7.26
C VAL A 92 9.70 11.43 -6.87
N TYR A 93 10.17 12.26 -7.79
CA TYR A 93 11.40 13.00 -7.61
C TYR A 93 11.11 14.47 -7.38
N LYS A 94 11.57 15.03 -6.31
CA LYS A 94 11.59 16.45 -6.16
C LYS A 94 13.02 16.85 -6.25
N ASN A 95 13.26 17.83 -7.09
CA ASN A 95 14.53 18.05 -7.72
C ASN A 95 14.88 16.85 -8.61
N SER A 96 16.11 16.39 -8.45
CA SER A 96 16.66 15.23 -9.09
C SER A 96 17.12 14.19 -8.09
N LYS A 97 16.39 14.15 -7.00
CA LYS A 97 16.49 13.22 -5.89
C LYS A 97 15.16 12.50 -5.69
N PRO A 98 15.20 11.24 -5.23
CA PRO A 98 13.98 10.60 -4.75
C PRO A 98 13.42 11.36 -3.56
N ASP A 99 12.13 11.68 -3.61
CA ASP A 99 11.49 12.50 -2.58
C ASP A 99 10.41 11.72 -1.82
N PHE A 100 9.39 11.23 -2.51
CA PHE A 100 8.33 10.48 -1.86
C PHE A 100 7.89 9.36 -2.79
N VAL A 101 6.96 8.54 -2.31
CA VAL A 101 6.47 7.39 -3.05
C VAL A 101 4.99 7.58 -3.32
N ILE A 102 4.58 7.35 -4.57
CA ILE A 102 3.18 7.37 -4.96
C ILE A 102 2.72 5.93 -5.20
N CYS A 103 1.55 5.59 -4.67
CA CYS A 103 1.04 4.23 -4.73
C CYS A 103 -0.36 4.26 -5.34
N THR A 104 -0.62 3.34 -6.26
CA THR A 104 -1.94 3.19 -6.88
C THR A 104 -2.44 1.79 -6.57
N HIS A 105 -3.51 1.72 -5.78
CA HIS A 105 -4.04 0.46 -5.29
C HIS A 105 -5.27 0.05 -6.08
N ARG A 106 -5.67 -1.21 -5.89
CA ARG A 106 -6.93 -1.71 -6.43
C ARG A 106 -7.47 -2.76 -5.49
N GLN A 107 -8.75 -2.63 -5.14
CA GLN A 107 -9.41 -3.62 -4.30
C GLN A 107 -9.42 -4.98 -4.99
N LEU A 108 -9.29 -6.04 -4.18
CA LEU A 108 -9.41 -7.41 -4.66
C LEU A 108 -10.39 -8.15 -3.77
N MET A 109 -11.21 -9.00 -4.39
CA MET A 109 -12.05 -9.88 -3.61
C MET A 109 -11.20 -10.92 -2.88
N ASP A 110 -11.78 -11.50 -1.83
CA ASP A 110 -11.04 -12.50 -1.05
C ASP A 110 -10.61 -13.68 -1.92
N GLU A 111 -11.51 -14.18 -2.77
CA GLU A 111 -11.17 -15.29 -3.64
C GLU A 111 -10.09 -14.91 -4.64
N GLU A 112 -10.06 -13.63 -5.05
CA GLU A 112 -9.05 -13.18 -6.01
C GLU A 112 -7.69 -13.02 -5.35
N GLY A 113 -7.64 -12.44 -4.15
CA GLY A 113 -6.37 -12.28 -3.47
C GLY A 113 -5.73 -13.60 -3.09
N HIS A 114 -6.55 -14.56 -2.66
CA HIS A 114 -6.02 -15.87 -2.30
C HIS A 114 -5.55 -16.65 -3.53
N ASP A 115 -6.20 -16.43 -4.68
CA ASP A 115 -5.71 -17.03 -5.91
C ASP A 115 -4.34 -16.50 -6.30
N LEU A 116 -4.07 -15.22 -6.04
CA LEU A 116 -2.78 -14.61 -6.34
C LEU A 116 -1.73 -14.88 -5.26
N LEU A 117 -2.14 -15.42 -4.11
CA LEU A 117 -1.19 -15.63 -3.02
C LEU A 117 -0.04 -16.54 -3.44
N GLY A 118 -0.35 -17.61 -4.17
CA GLY A 118 0.65 -18.55 -4.61
C GLY A 118 1.47 -18.11 -5.80
N LYS A 119 1.18 -16.94 -6.38
CA LYS A 119 1.90 -16.46 -7.54
C LYS A 119 2.74 -15.23 -7.26
N ARG A 120 2.66 -14.65 -6.07
CA ARG A 120 3.34 -13.40 -5.77
C ARG A 120 4.81 -13.61 -5.44
#